data_2B1Q
#
_entry.id   2B1Q
#
_cell.length_a   68.91
_cell.length_b   68.91
_cell.length_c   268.65
_cell.angle_alpha   90
_cell.angle_beta   90
_cell.angle_gamma   120
#
_symmetry.space_group_name_H-M   'P 65 2 2'
#
loop_
_entity.id
_entity.type
_entity.pdbx_description
1 polymer 'hypothetical protein slr0953'
2 branched alpha-D-glucopyranose-(1-1)-alpha-D-glucopyranose
3 non-polymer 'MAGNESIUM ION'
4 water water
#
_entity_poly.entity_id   1
_entity_poly.type   'polypeptide(L)'
_entity_poly.pdbx_seq_one_letter_code
;MRQLLLISDLDNTWVGDQQALEHLQEYLGDRRGNFYLAYATGRSYHSARELQKQVGLMEPDYWLTAVGSEIYHPEGLDQH
WADYLSEHWQRDILQAIADGFEALKPQSPLEQNPWKISYHLDPQACPTVIDQLTEMLKETGIPVQVIFSSGKDVDLLPQR
SNKGNATQYLQQHLAMEPSQTLVCGDSGNDIGLFETSARGVIVRNAQPELLHWYDQWGDSRHYRAQSSHAGAILEAIAHF
DFLS
;
_entity_poly.pdbx_strand_id   A
#
loop_
_chem_comp.id
_chem_comp.type
_chem_comp.name
_chem_comp.formula
GLC D-saccharide, alpha linking alpha-D-glucopyranose 'C6 H12 O6'
MG non-polymer 'MAGNESIUM ION' 'Mg 2'
#
# COMPACT_ATOMS: atom_id res chain seq x y z
N MET A 1 -7.97 6.35 20.19
CA MET A 1 -7.98 7.45 21.19
C MET A 1 -7.11 8.62 20.75
N ARG A 2 -6.66 8.59 19.50
CA ARG A 2 -5.85 9.70 18.99
C ARG A 2 -6.66 10.36 17.89
N GLN A 3 -6.26 11.57 17.51
CA GLN A 3 -7.00 12.29 16.48
C GLN A 3 -6.70 11.92 15.03
N LEU A 4 -5.62 11.20 14.79
CA LEU A 4 -5.30 10.83 13.41
C LEU A 4 -4.62 9.47 13.30
N LEU A 5 -4.99 8.76 12.23
CA LEU A 5 -4.42 7.47 11.89
C LEU A 5 -3.80 7.76 10.53
N LEU A 6 -2.48 7.93 10.52
CA LEU A 6 -1.74 8.24 9.32
C LEU A 6 -1.17 6.99 8.67
N ILE A 7 -1.55 6.74 7.43
CA ILE A 7 -1.10 5.57 6.68
C ILE A 7 -0.44 6.01 5.38
N SER A 8 0.82 5.64 5.20
CA SER A 8 1.54 6.05 4.01
C SER A 8 2.44 5.00 3.39
N ASP A 9 2.58 5.08 2.08
CA ASP A 9 3.46 4.18 1.36
C ASP A 9 4.82 4.83 1.60
N LEU A 10 5.90 4.10 1.36
CA LEU A 10 7.23 4.66 1.59
C LEU A 10 7.89 5.25 0.34
N ASP A 11 8.47 4.38 -0.48
CA ASP A 11 9.15 4.81 -1.71
C ASP A 11 8.29 5.71 -2.60
N ASN A 12 8.83 6.89 -2.91
CA ASN A 12 8.19 7.90 -3.76
C ASN A 12 7.06 8.65 -3.08
N THR A 13 6.73 8.24 -1.87
CA THR A 13 5.68 8.91 -1.14
C THR A 13 6.34 9.59 0.06
N TRP A 14 6.53 8.82 1.12
CA TRP A 14 7.17 9.32 2.34
C TRP A 14 8.66 9.51 2.06
N VAL A 15 9.22 8.62 1.24
CA VAL A 15 10.62 8.66 0.89
C VAL A 15 10.84 9.12 -0.54
N GLY A 16 11.99 9.75 -0.79
CA GLY A 16 12.30 10.23 -2.13
C GLY A 16 12.89 11.64 -2.18
N ASP A 17 12.45 12.49 -1.26
CA ASP A 17 12.91 13.89 -1.12
C ASP A 17 13.31 13.95 0.34
N GLN A 18 14.59 13.75 0.60
CA GLN A 18 15.10 13.74 1.96
C GLN A 18 14.77 15.00 2.74
N GLN A 19 14.84 16.17 2.11
CA GLN A 19 14.52 17.39 2.82
C GLN A 19 13.06 17.38 3.30
N ALA A 20 12.13 17.01 2.42
CA ALA A 20 10.71 16.99 2.80
C ALA A 20 10.45 15.90 3.84
N LEU A 21 11.13 14.76 3.69
CA LEU A 21 10.95 13.68 4.65
C LEU A 21 11.30 14.22 6.02
N GLU A 22 12.45 14.89 6.10
CA GLU A 22 12.91 15.46 7.36
C GLU A 22 12.00 16.51 7.97
N HIS A 23 11.49 17.46 7.17
CA HIS A 23 10.62 18.44 7.79
C HIS A 23 9.24 17.88 8.12
N LEU A 24 8.85 16.81 7.44
CA LEU A 24 7.58 16.16 7.75
C LEU A 24 7.75 15.49 9.11
N GLN A 25 8.87 14.80 9.30
CA GLN A 25 9.13 14.10 10.55
C GLN A 25 9.36 15.07 11.71
N GLU A 26 9.94 16.23 11.43
CA GLU A 26 10.14 17.23 12.49
C GLU A 26 8.77 17.68 12.97
N TYR A 27 7.91 18.06 12.03
CA TYR A 27 6.57 18.49 12.37
C TYR A 27 5.81 17.44 13.17
N LEU A 28 5.82 16.21 12.68
CA LEU A 28 5.11 15.11 13.36
C LEU A 28 5.78 14.78 14.69
N GLY A 29 7.10 14.91 14.73
CA GLY A 29 7.85 14.60 15.94
C GLY A 29 7.50 15.51 17.11
N ASP A 30 6.82 16.63 16.83
CA ASP A 30 6.42 17.56 17.87
C ASP A 30 5.04 17.25 18.44
N ARG A 31 4.32 16.31 17.83
CA ARG A 31 3.01 15.91 18.34
C ARG A 31 2.83 14.41 18.15
N ARG A 32 3.88 13.65 18.45
CA ARG A 32 3.85 12.20 18.29
C ARG A 32 2.68 11.47 18.96
N GLY A 33 2.26 11.94 20.13
CA GLY A 33 1.16 11.29 20.82
C GLY A 33 -0.22 11.57 20.25
N ASN A 34 -0.31 12.41 19.22
CA ASN A 34 -1.61 12.73 18.62
C ASN A 34 -2.01 11.90 17.42
N PHE A 35 -1.15 10.98 16.97
CA PHE A 35 -1.50 10.15 15.83
C PHE A 35 -0.89 8.75 15.87
N TYR A 36 -1.55 7.82 15.21
CA TYR A 36 -1.03 6.46 15.09
C TYR A 36 -0.41 6.47 13.69
N LEU A 37 0.75 5.86 13.53
CA LEU A 37 1.41 5.84 12.24
C LEU A 37 1.59 4.43 11.71
N ALA A 38 1.30 4.25 10.43
CA ALA A 38 1.45 2.94 9.79
C ALA A 38 2.04 3.13 8.41
N TYR A 39 3.06 2.33 8.10
CA TYR A 39 3.65 2.39 6.78
C TYR A 39 3.04 1.22 6.02
N ALA A 40 2.43 1.51 4.88
CA ALA A 40 1.81 0.48 4.04
C ALA A 40 2.65 0.44 2.76
N THR A 41 3.55 -0.53 2.71
CA THR A 41 4.46 -0.65 1.59
C THR A 41 4.43 -1.99 0.85
N GLY A 42 4.97 -1.99 -0.37
CA GLY A 42 5.03 -3.20 -1.16
C GLY A 42 6.24 -4.02 -0.71
N ARG A 43 7.12 -3.36 0.04
CA ARG A 43 8.32 -3.99 0.54
C ARG A 43 8.00 -5.00 1.64
N SER A 44 8.87 -5.98 1.80
CA SER A 44 8.71 -6.97 2.85
C SER A 44 9.15 -6.23 4.12
N TYR A 45 8.81 -6.78 5.27
CA TYR A 45 9.18 -6.19 6.56
C TYR A 45 10.69 -5.93 6.64
N HIS A 46 11.48 -6.94 6.32
CA HIS A 46 12.93 -6.83 6.37
C HIS A 46 13.43 -5.69 5.49
N SER A 47 12.87 -5.59 4.28
CA SER A 47 13.26 -4.56 3.34
C SER A 47 12.84 -3.17 3.85
N ALA A 48 11.66 -3.10 4.46
CA ALA A 48 11.17 -1.84 5.02
C ALA A 48 12.09 -1.40 6.15
N ARG A 49 12.53 -2.36 6.97
CA ARG A 49 13.43 -2.06 8.08
C ARG A 49 14.78 -1.56 7.56
N GLU A 50 15.23 -2.09 6.44
CA GLU A 50 16.50 -1.64 5.86
C GLU A 50 16.35 -0.19 5.43
N LEU A 51 15.24 0.11 4.75
CA LEU A 51 14.99 1.47 4.28
C LEU A 51 14.98 2.46 5.44
N GLN A 52 14.38 2.07 6.56
CA GLN A 52 14.32 2.93 7.73
C GLN A 52 15.71 3.35 8.18
N LYS A 53 16.65 2.41 8.15
CA LYS A 53 18.03 2.69 8.54
C LYS A 53 18.71 3.61 7.54
N GLN A 54 18.39 3.43 6.26
CA GLN A 54 18.99 4.23 5.19
C GLN A 54 18.59 5.71 5.20
N VAL A 55 17.29 5.99 5.34
CA VAL A 55 16.79 7.36 5.32
C VAL A 55 16.35 7.93 6.68
N GLY A 56 16.44 7.10 7.72
CA GLY A 56 16.05 7.56 9.05
C GLY A 56 14.55 7.68 9.24
N LEU A 57 13.80 6.67 8.81
CA LEU A 57 12.34 6.68 8.97
C LEU A 57 11.96 6.67 10.43
N MET A 58 11.02 7.54 10.82
CA MET A 58 10.60 7.55 12.21
C MET A 58 9.85 6.25 12.47
N GLU A 59 9.94 5.77 13.72
CA GLU A 59 9.30 4.53 14.10
C GLU A 59 7.77 4.61 14.03
N PRO A 60 7.14 3.73 13.24
CA PRO A 60 5.69 3.73 13.12
C PRO A 60 5.10 2.87 14.22
N ASP A 61 3.78 2.86 14.34
CA ASP A 61 3.12 2.04 15.35
C ASP A 61 2.85 0.68 14.72
N TYR A 62 2.61 0.66 13.41
CA TYR A 62 2.34 -0.57 12.68
C TYR A 62 3.02 -0.59 11.32
N TRP A 63 3.25 -1.80 10.82
CA TRP A 63 3.86 -1.98 9.50
C TRP A 63 2.91 -2.85 8.70
N LEU A 64 2.39 -2.31 7.59
CA LEU A 64 1.51 -3.08 6.72
C LEU A 64 2.41 -3.35 5.52
N THR A 65 3.10 -4.49 5.55
CA THR A 65 4.06 -4.83 4.51
C THR A 65 3.57 -5.76 3.40
N ALA A 66 4.39 -5.87 2.37
CA ALA A 66 4.09 -6.72 1.22
C ALA A 66 2.67 -6.45 0.74
N VAL A 67 2.38 -5.17 0.52
CA VAL A 67 1.07 -4.72 0.05
C VAL A 67 -0.06 -5.15 0.98
N GLY A 68 0.24 -5.13 2.27
CA GLY A 68 -0.75 -5.51 3.27
C GLY A 68 -0.97 -7.00 3.44
N SER A 69 -0.04 -7.83 2.97
CA SER A 69 -0.21 -9.28 3.13
C SER A 69 0.29 -9.72 4.50
N GLU A 70 1.07 -8.85 5.15
CA GLU A 70 1.57 -9.11 6.50
C GLU A 70 1.45 -7.84 7.33
N ILE A 71 0.99 -7.99 8.56
CA ILE A 71 0.83 -6.85 9.45
C ILE A 71 1.67 -7.07 10.71
N TYR A 72 2.52 -6.09 11.03
CA TYR A 72 3.39 -6.18 12.19
C TYR A 72 3.01 -5.20 13.29
N HIS A 73 2.74 -5.74 14.47
CA HIS A 73 2.41 -4.92 15.63
C HIS A 73 3.75 -4.75 16.34
N PRO A 74 3.83 -3.83 17.32
CA PRO A 74 5.10 -3.64 18.04
C PRO A 74 5.57 -4.98 18.62
N GLU A 75 4.62 -5.80 19.05
CA GLU A 75 4.92 -7.11 19.63
C GLU A 75 5.14 -8.22 18.60
N GLY A 76 4.98 -7.90 17.31
CA GLY A 76 5.21 -8.91 16.28
C GLY A 76 4.12 -9.13 15.24
N LEU A 77 4.34 -10.11 14.36
CA LEU A 77 3.42 -10.47 13.29
C LEU A 77 2.01 -10.75 13.79
N ASP A 78 1.02 -10.25 13.06
CA ASP A 78 -0.38 -10.46 13.44
C ASP A 78 -0.80 -11.82 12.91
N GLN A 79 -0.87 -12.81 13.80
CA GLN A 79 -1.24 -14.15 13.40
C GLN A 79 -2.72 -14.26 13.03
N HIS A 80 -3.57 -13.38 13.57
CA HIS A 80 -4.99 -13.40 13.24
C HIS A 80 -5.16 -13.01 11.78
N TRP A 81 -4.48 -11.94 11.38
CA TRP A 81 -4.53 -11.45 10.01
C TRP A 81 -4.02 -12.53 9.07
N ALA A 82 -2.94 -13.21 9.45
CA ALA A 82 -2.38 -14.26 8.63
C ALA A 82 -3.37 -15.41 8.40
N ASP A 83 -4.02 -15.88 9.47
CA ASP A 83 -4.98 -16.96 9.35
C ASP A 83 -6.16 -16.52 8.51
N TYR A 84 -6.55 -15.26 8.70
CA TYR A 84 -7.67 -14.68 7.97
C TYR A 84 -7.38 -14.70 6.47
N LEU A 85 -6.15 -14.34 6.09
CA LEU A 85 -5.77 -14.33 4.69
C LEU A 85 -5.58 -15.73 4.10
N SER A 86 -5.23 -16.70 4.95
CA SER A 86 -4.99 -18.07 4.51
C SER A 86 -6.26 -18.82 4.11
N GLU A 87 -7.37 -18.45 4.73
CA GLU A 87 -8.65 -19.11 4.45
C GLU A 87 -9.08 -19.01 2.99
N HIS A 88 -9.23 -20.16 2.35
CA HIS A 88 -9.64 -20.26 0.94
C HIS A 88 -8.55 -19.91 -0.06
N TRP A 89 -7.39 -19.48 0.43
CA TRP A 89 -6.26 -19.11 -0.42
C TRP A 89 -5.52 -20.35 -0.95
N GLN A 90 -5.27 -20.37 -2.26
CA GLN A 90 -4.59 -21.49 -2.93
C GLN A 90 -3.41 -20.95 -3.70
N ARG A 91 -2.29 -20.71 -3.02
CA ARG A 91 -1.13 -20.14 -3.67
C ARG A 91 -0.61 -20.93 -4.86
N ASP A 92 -0.43 -22.24 -4.70
CA ASP A 92 0.13 -23.08 -5.77
C ASP A 92 -0.65 -23.04 -7.08
N ILE A 93 -1.98 -23.14 -7.00
CA ILE A 93 -2.78 -23.11 -8.21
C ILE A 93 -2.63 -21.79 -8.95
N LEU A 94 -2.68 -20.68 -8.23
CA LEU A 94 -2.56 -19.36 -8.84
C LEU A 94 -1.17 -19.17 -9.45
N GLN A 95 -0.15 -19.65 -8.74
CA GLN A 95 1.23 -19.53 -9.22
C GLN A 95 1.43 -20.32 -10.52
N ALA A 96 0.82 -21.50 -10.59
CA ALA A 96 0.95 -22.33 -11.78
C ALA A 96 0.39 -21.57 -12.98
N ILE A 97 -0.76 -20.94 -12.78
CA ILE A 97 -1.40 -20.18 -13.85
C ILE A 97 -0.54 -18.99 -14.27
N ALA A 98 -0.13 -18.17 -13.31
CA ALA A 98 0.69 -17.00 -13.61
C ALA A 98 2.02 -17.40 -14.26
N ASP A 99 2.66 -18.45 -13.74
CA ASP A 99 3.95 -18.90 -14.29
C ASP A 99 3.83 -19.24 -15.77
N GLY A 100 2.63 -19.60 -16.20
CA GLY A 100 2.41 -19.96 -17.60
C GLY A 100 2.37 -18.82 -18.61
N PHE A 101 2.38 -17.57 -18.12
CA PHE A 101 2.36 -16.42 -19.02
C PHE A 101 3.78 -16.03 -19.39
N GLU A 102 4.11 -16.18 -20.67
CA GLU A 102 5.43 -15.85 -21.18
C GLU A 102 5.88 -14.41 -20.87
N ALA A 103 4.93 -13.48 -20.86
CA ALA A 103 5.25 -12.08 -20.59
C ALA A 103 5.59 -11.80 -19.13
N LEU A 104 5.32 -12.77 -18.26
CA LEU A 104 5.60 -12.60 -16.83
C LEU A 104 6.85 -13.36 -16.41
N LYS A 105 7.66 -12.72 -15.57
CA LYS A 105 8.89 -13.32 -15.04
C LYS A 105 8.77 -13.21 -13.51
N PRO A 106 9.01 -14.31 -12.79
CA PRO A 106 8.91 -14.25 -11.33
C PRO A 106 9.85 -13.21 -10.72
N GLN A 107 9.39 -12.53 -9.69
CA GLN A 107 10.25 -11.57 -8.99
C GLN A 107 11.08 -12.47 -8.10
N SER A 108 12.15 -11.93 -7.51
CA SER A 108 13.02 -12.72 -6.64
C SER A 108 12.24 -13.39 -5.49
N PRO A 109 12.75 -14.53 -5.01
CA PRO A 109 12.12 -15.27 -3.91
C PRO A 109 11.83 -14.39 -2.71
N LEU A 110 12.76 -13.49 -2.39
CA LEU A 110 12.60 -12.61 -1.24
C LEU A 110 11.43 -11.63 -1.37
N GLU A 111 10.83 -11.55 -2.54
CA GLU A 111 9.68 -10.66 -2.74
C GLU A 111 8.39 -11.45 -2.55
N GLN A 112 8.53 -12.76 -2.34
CA GLN A 112 7.37 -13.63 -2.17
C GLN A 112 7.13 -13.98 -0.71
N ASN A 113 5.87 -14.32 -0.40
CA ASN A 113 5.50 -14.78 0.92
C ASN A 113 4.25 -15.65 0.70
N PRO A 114 3.78 -16.36 1.74
CA PRO A 114 2.62 -17.23 1.57
C PRO A 114 1.38 -16.60 0.92
N TRP A 115 1.19 -15.30 1.11
CA TRP A 115 0.04 -14.60 0.58
C TRP A 115 0.37 -13.58 -0.52
N LYS A 116 1.55 -13.72 -1.12
CA LYS A 116 1.96 -12.80 -2.17
C LYS A 116 2.79 -13.49 -3.24
N ILE A 117 2.31 -13.43 -4.47
CA ILE A 117 2.98 -14.04 -5.62
C ILE A 117 3.25 -12.88 -6.57
N SER A 118 4.52 -12.58 -6.79
CA SER A 118 4.85 -11.44 -7.63
C SER A 118 5.68 -11.70 -8.87
N TYR A 119 5.41 -10.91 -9.90
CA TYR A 119 6.09 -11.02 -11.19
C TYR A 119 6.38 -9.64 -11.75
N HIS A 120 7.19 -9.64 -12.80
CA HIS A 120 7.56 -8.42 -13.52
C HIS A 120 7.01 -8.61 -14.93
N LEU A 121 6.33 -7.60 -15.44
CA LEU A 121 5.78 -7.65 -16.78
C LEU A 121 6.86 -7.24 -17.77
N ASP A 122 7.03 -8.03 -18.83
CA ASP A 122 8.02 -7.72 -19.87
C ASP A 122 7.77 -6.32 -20.40
N PRO A 123 8.81 -5.47 -20.43
CA PRO A 123 8.66 -4.09 -20.93
C PRO A 123 8.12 -4.00 -22.35
N GLN A 124 8.35 -5.05 -23.14
CA GLN A 124 7.91 -5.08 -24.53
C GLN A 124 6.57 -5.75 -24.74
N ALA A 125 6.00 -6.30 -23.67
CA ALA A 125 4.70 -6.96 -23.77
C ALA A 125 3.55 -5.96 -23.64
N CYS A 126 2.42 -6.31 -24.22
CA CYS A 126 1.22 -5.47 -24.17
C CYS A 126 0.58 -5.57 -22.79
N PRO A 127 0.34 -4.43 -22.12
CA PRO A 127 -0.27 -4.39 -20.79
C PRO A 127 -1.58 -5.16 -20.70
N THR A 128 -2.25 -5.31 -21.83
CA THR A 128 -3.52 -6.02 -21.89
C THR A 128 -3.38 -7.45 -21.34
N VAL A 129 -2.15 -7.96 -21.31
CA VAL A 129 -1.93 -9.31 -20.81
C VAL A 129 -2.37 -9.41 -19.34
N ILE A 130 -2.33 -8.28 -18.63
CA ILE A 130 -2.74 -8.25 -17.23
C ILE A 130 -4.25 -8.53 -17.12
N ASP A 131 -5.02 -8.03 -18.08
CA ASP A 131 -6.46 -8.26 -18.06
C ASP A 131 -6.73 -9.76 -18.24
N GLN A 132 -6.02 -10.37 -19.19
CA GLN A 132 -6.19 -11.81 -19.45
C GLN A 132 -5.84 -12.60 -18.21
N LEU A 133 -4.72 -12.25 -17.57
CA LEU A 133 -4.29 -12.92 -16.34
C LEU A 133 -5.36 -12.79 -15.27
N THR A 134 -5.81 -11.57 -15.05
CA THR A 134 -6.84 -11.30 -14.04
C THR A 134 -8.07 -12.16 -14.25
N GLU A 135 -8.60 -12.14 -15.47
CA GLU A 135 -9.80 -12.93 -15.78
C GLU A 135 -9.57 -14.42 -15.58
N MET A 136 -8.41 -14.90 -16.00
CA MET A 136 -8.08 -16.31 -15.87
C MET A 136 -7.97 -16.71 -14.40
N LEU A 137 -7.36 -15.87 -13.58
CA LEU A 137 -7.18 -16.16 -12.16
C LEU A 137 -8.52 -16.14 -11.43
N LYS A 138 -9.35 -15.15 -11.76
CA LYS A 138 -10.66 -15.01 -11.13
C LYS A 138 -11.54 -16.23 -11.39
N GLU A 139 -11.55 -16.70 -12.62
CA GLU A 139 -12.39 -17.83 -12.99
C GLU A 139 -12.06 -19.13 -12.27
N THR A 140 -10.99 -19.14 -11.49
CA THR A 140 -10.64 -20.33 -10.71
C THR A 140 -11.57 -20.40 -9.51
N GLY A 141 -12.19 -19.26 -9.19
CA GLY A 141 -13.08 -19.22 -8.05
C GLY A 141 -12.30 -18.94 -6.77
N ILE A 142 -10.98 -18.95 -6.87
CA ILE A 142 -10.14 -18.68 -5.71
C ILE A 142 -10.18 -17.18 -5.46
N PRO A 143 -10.48 -16.76 -4.23
CA PRO A 143 -10.54 -15.32 -3.93
C PRO A 143 -9.17 -14.67 -4.09
N VAL A 144 -8.94 -14.09 -5.27
CA VAL A 144 -7.67 -13.45 -5.58
C VAL A 144 -7.86 -12.12 -6.28
N GLN A 145 -6.88 -11.23 -6.10
CA GLN A 145 -6.89 -9.93 -6.75
C GLN A 145 -5.52 -9.72 -7.37
N VAL A 146 -5.48 -8.92 -8.43
CA VAL A 146 -4.24 -8.63 -9.13
C VAL A 146 -3.87 -7.17 -8.99
N ILE A 147 -2.68 -6.90 -8.48
CA ILE A 147 -2.23 -5.54 -8.30
C ILE A 147 -1.13 -5.24 -9.33
N PHE A 148 -1.36 -4.21 -10.12
CA PHE A 148 -0.44 -3.81 -11.20
C PHE A 148 0.00 -2.38 -10.97
N SER A 149 1.30 -2.16 -10.86
CA SER A 149 1.81 -0.81 -10.61
C SER A 149 3.12 -0.50 -11.30
N SER A 150 3.35 0.78 -11.55
CA SER A 150 4.56 1.25 -12.21
C SER A 150 4.72 0.65 -13.60
N GLY A 151 3.61 0.18 -14.17
CA GLY A 151 3.65 -0.40 -15.49
C GLY A 151 4.45 -1.70 -15.58
N LYS A 152 4.86 -2.27 -14.45
CA LYS A 152 5.63 -3.51 -14.52
C LYS A 152 5.47 -4.50 -13.37
N ASP A 153 5.12 -4.02 -12.17
CA ASP A 153 4.97 -4.90 -11.03
C ASP A 153 3.60 -5.54 -10.89
N VAL A 154 3.59 -6.87 -10.79
CA VAL A 154 2.34 -7.63 -10.67
C VAL A 154 2.34 -8.45 -9.38
N ASP A 155 1.36 -8.20 -8.51
CA ASP A 155 1.24 -8.92 -7.26
C ASP A 155 -0.09 -9.67 -7.21
N LEU A 156 -0.04 -10.94 -6.85
CA LEU A 156 -1.24 -11.75 -6.72
C LEU A 156 -1.47 -11.92 -5.21
N LEU A 157 -2.61 -11.43 -4.73
CA LEU A 157 -2.92 -11.49 -3.30
C LEU A 157 -4.34 -11.98 -3.04
N PRO A 158 -4.60 -12.41 -1.80
CA PRO A 158 -5.94 -12.86 -1.44
C PRO A 158 -6.86 -11.64 -1.59
N GLN A 159 -8.12 -11.86 -1.92
CA GLN A 159 -9.06 -10.75 -2.06
C GLN A 159 -9.17 -9.96 -0.75
N ARG A 160 -9.01 -10.64 0.37
CA ARG A 160 -9.10 -10.02 1.69
C ARG A 160 -7.90 -9.12 2.00
N SER A 161 -6.88 -9.15 1.14
CA SER A 161 -5.68 -8.36 1.38
C SER A 161 -5.65 -7.04 0.59
N ASN A 162 -4.45 -6.51 0.40
CA ASN A 162 -4.12 -5.23 -0.25
C ASN A 162 -4.09 -4.15 0.84
N LYS A 163 -3.50 -2.99 0.54
CA LYS A 163 -3.35 -1.94 1.54
C LYS A 163 -4.63 -1.39 2.15
N GLY A 164 -5.68 -1.31 1.34
CA GLY A 164 -6.94 -0.80 1.84
C GLY A 164 -7.58 -1.70 2.87
N ASN A 165 -7.66 -3.00 2.57
CA ASN A 165 -8.25 -3.96 3.51
C ASN A 165 -7.45 -4.04 4.81
N ALA A 166 -6.12 -3.94 4.70
CA ALA A 166 -5.28 -3.97 5.89
C ALA A 166 -5.56 -2.70 6.71
N THR A 167 -5.80 -1.59 6.01
CA THR A 167 -6.09 -0.32 6.67
C THR A 167 -7.40 -0.38 7.42
N GLN A 168 -8.43 -0.94 6.80
CA GLN A 168 -9.73 -1.04 7.45
C GLN A 168 -9.63 -1.93 8.68
N TYR A 169 -8.84 -3.00 8.57
CA TYR A 169 -8.63 -3.92 9.68
C TYR A 169 -7.98 -3.15 10.83
N LEU A 170 -6.97 -2.36 10.51
CA LEU A 170 -6.26 -1.57 11.51
C LEU A 170 -7.21 -0.55 12.16
N GLN A 171 -8.07 0.07 11.35
CA GLN A 171 -9.02 1.06 11.83
C GLN A 171 -9.96 0.46 12.86
N GLN A 172 -10.44 -0.74 12.59
CA GLN A 172 -11.35 -1.41 13.51
C GLN A 172 -10.58 -1.79 14.78
N HIS A 173 -9.34 -2.23 14.61
CA HIS A 173 -8.48 -2.65 15.71
C HIS A 173 -8.20 -1.49 16.67
N LEU A 174 -8.03 -0.29 16.10
CA LEU A 174 -7.73 0.91 16.88
C LEU A 174 -8.96 1.75 17.20
N ALA A 175 -10.13 1.35 16.70
CA ALA A 175 -11.36 2.10 16.90
C ALA A 175 -11.21 3.51 16.36
N MET A 176 -10.61 3.63 15.18
CA MET A 176 -10.41 4.91 14.52
C MET A 176 -11.39 5.03 13.35
N GLU A 177 -12.01 6.19 13.20
CA GLU A 177 -12.98 6.39 12.11
C GLU A 177 -12.32 6.81 10.81
N PRO A 178 -13.00 6.53 9.67
CA PRO A 178 -12.48 6.89 8.35
C PRO A 178 -12.20 8.40 8.27
N SER A 179 -13.08 9.19 8.89
CA SER A 179 -12.92 10.65 8.90
C SER A 179 -11.66 11.06 9.66
N GLN A 180 -11.13 10.14 10.46
CA GLN A 180 -9.91 10.40 11.24
C GLN A 180 -8.70 9.76 10.57
N THR A 181 -8.92 9.18 9.39
CA THR A 181 -7.82 8.50 8.69
C THR A 181 -7.34 9.21 7.43
N LEU A 182 -6.03 9.19 7.23
CA LEU A 182 -5.43 9.78 6.03
C LEU A 182 -4.47 8.78 5.38
N VAL A 183 -4.79 8.36 4.16
CA VAL A 183 -3.93 7.42 3.45
C VAL A 183 -3.16 8.19 2.38
N CYS A 184 -1.90 7.85 2.20
CA CYS A 184 -1.03 8.53 1.23
C CYS A 184 -0.38 7.53 0.28
N GLY A 185 -0.43 7.81 -1.03
CA GLY A 185 0.14 6.89 -1.99
C GLY A 185 0.60 7.48 -3.32
N ASP A 186 1.18 6.65 -4.17
CA ASP A 186 1.72 7.10 -5.46
C ASP A 186 1.50 6.14 -6.64
N SER A 187 1.07 4.91 -6.40
CA SER A 187 0.92 3.97 -7.51
C SER A 187 -0.25 3.00 -7.43
N GLY A 188 -0.26 2.06 -8.37
CA GLY A 188 -1.32 1.06 -8.44
C GLY A 188 -1.45 0.20 -7.20
N ASN A 189 -0.36 0.01 -6.44
CA ASN A 189 -0.48 -0.80 -5.25
C ASN A 189 -1.04 -0.02 -4.06
N ASP A 190 -1.48 1.21 -4.34
CA ASP A 190 -2.07 2.09 -3.33
C ASP A 190 -3.56 2.32 -3.62
N ILE A 191 -4.04 1.82 -4.76
CA ILE A 191 -5.44 1.99 -5.13
C ILE A 191 -6.37 1.46 -4.04
N GLY A 192 -6.01 0.32 -3.44
CA GLY A 192 -6.82 -0.24 -2.38
C GLY A 192 -7.03 0.77 -1.26
N LEU A 193 -6.01 1.60 -0.99
CA LEU A 193 -6.11 2.60 0.05
C LEU A 193 -7.19 3.65 -0.29
N PHE A 194 -7.17 4.13 -1.53
CA PHE A 194 -8.14 5.13 -1.93
C PHE A 194 -9.54 4.56 -2.11
N GLU A 195 -9.64 3.24 -2.09
CA GLU A 195 -10.93 2.58 -2.20
C GLU A 195 -11.64 2.60 -0.85
N THR A 196 -10.90 2.83 0.23
CA THR A 196 -11.52 2.91 1.56
C THR A 196 -12.15 4.29 1.69
N SER A 197 -12.96 4.47 2.73
CA SER A 197 -13.61 5.76 2.93
C SER A 197 -12.72 6.74 3.72
N ALA A 198 -11.44 6.44 3.82
CA ALA A 198 -10.53 7.33 4.53
C ALA A 198 -10.17 8.52 3.64
N ARG A 199 -9.71 9.60 4.25
CA ARG A 199 -9.30 10.75 3.47
C ARG A 199 -8.00 10.29 2.81
N GLY A 200 -7.74 10.76 1.59
CA GLY A 200 -6.54 10.33 0.91
C GLY A 200 -5.82 11.42 0.14
N VAL A 201 -4.53 11.23 -0.01
CA VAL A 201 -3.72 12.16 -0.76
C VAL A 201 -2.88 11.41 -1.77
N ILE A 202 -2.95 11.89 -3.01
CA ILE A 202 -2.19 11.33 -4.11
C ILE A 202 -1.05 12.28 -4.38
N VAL A 203 0.18 11.82 -4.22
CA VAL A 203 1.34 12.67 -4.43
C VAL A 203 1.44 13.19 -5.86
N ARG A 204 2.01 14.38 -6.01
CA ARG A 204 2.18 14.99 -7.34
C ARG A 204 2.95 14.06 -8.29
N ASN A 205 4.00 13.40 -7.79
CA ASN A 205 4.82 12.47 -8.59
C ASN A 205 4.19 11.08 -8.71
N ALA A 206 2.87 11.00 -8.65
CA ALA A 206 2.18 9.72 -8.74
C ALA A 206 2.36 9.03 -10.08
N GLN A 207 2.25 7.70 -10.08
CA GLN A 207 2.39 6.89 -11.30
C GLN A 207 1.10 7.02 -12.14
N PRO A 208 1.22 6.86 -13.46
CA PRO A 208 0.11 6.95 -14.41
C PRO A 208 -1.16 6.20 -14.01
N GLU A 209 -1.02 4.93 -13.65
CA GLU A 209 -2.18 4.13 -13.29
C GLU A 209 -2.98 4.68 -12.11
N LEU A 210 -2.32 5.33 -11.17
CA LEU A 210 -3.02 5.89 -10.02
C LEU A 210 -3.77 7.16 -10.43
N LEU A 211 -3.16 7.96 -11.29
CA LEU A 211 -3.81 9.18 -11.75
C LEU A 211 -5.03 8.81 -12.58
N HIS A 212 -4.90 7.75 -13.37
CA HIS A 212 -6.01 7.29 -14.20
C HIS A 212 -7.15 6.85 -13.28
N TRP A 213 -6.80 6.17 -12.20
CA TRP A 213 -7.81 5.72 -11.25
C TRP A 213 -8.54 6.91 -10.64
N TYR A 214 -7.78 7.93 -10.23
CA TYR A 214 -8.35 9.12 -9.64
C TYR A 214 -9.34 9.80 -10.59
N ASP A 215 -8.97 9.86 -11.87
CA ASP A 215 -9.83 10.49 -12.88
C ASP A 215 -11.19 9.80 -13.00
N GLN A 216 -11.22 8.49 -12.80
CA GLN A 216 -12.47 7.74 -12.90
C GLN A 216 -13.24 7.59 -11.59
N TRP A 217 -12.54 7.32 -10.50
CA TRP A 217 -13.19 7.13 -9.20
C TRP A 217 -12.98 8.21 -8.16
N GLY A 218 -12.11 9.17 -8.46
CA GLY A 218 -11.85 10.24 -7.51
C GLY A 218 -13.09 10.88 -6.94
N ASP A 219 -13.13 11.03 -5.61
CA ASP A 219 -14.25 11.65 -4.94
C ASP A 219 -13.77 12.82 -4.07
N SER A 220 -14.69 13.45 -3.33
CA SER A 220 -14.33 14.58 -2.50
C SER A 220 -13.35 14.29 -1.36
N ARG A 221 -13.26 13.03 -0.94
CA ARG A 221 -12.34 12.68 0.14
C ARG A 221 -10.91 12.51 -0.38
N HIS A 222 -10.76 12.49 -1.70
CA HIS A 222 -9.47 12.32 -2.34
C HIS A 222 -8.86 13.66 -2.76
N TYR A 223 -7.60 13.88 -2.38
CA TYR A 223 -6.92 15.11 -2.69
C TYR A 223 -5.66 14.92 -3.52
N ARG A 224 -5.61 15.61 -4.65
CA ARG A 224 -4.46 15.58 -5.55
C ARG A 224 -3.53 16.71 -5.12
N ALA A 225 -2.44 16.36 -4.44
CA ALA A 225 -1.50 17.36 -3.96
C ALA A 225 -0.64 18.01 -5.04
N GLN A 226 -0.22 19.24 -4.78
CA GLN A 226 0.65 19.97 -5.72
C GLN A 226 2.08 19.58 -5.41
N SER A 227 2.32 19.23 -4.14
CA SER A 227 3.63 18.83 -3.66
C SER A 227 3.93 17.38 -3.98
N SER A 228 5.21 17.05 -4.08
CA SER A 228 5.61 15.67 -4.35
C SER A 228 6.21 15.05 -3.10
N HIS A 229 6.22 13.73 -3.04
CA HIS A 229 6.79 13.01 -1.90
C HIS A 229 6.20 13.41 -0.54
N ALA A 230 7.03 13.45 0.48
CA ALA A 230 6.59 13.79 1.83
C ALA A 230 5.87 15.13 1.93
N GLY A 231 6.23 16.06 1.04
CA GLY A 231 5.59 17.36 1.03
C GLY A 231 4.10 17.23 0.82
N ALA A 232 3.69 16.20 0.09
CA ALA A 232 2.27 15.97 -0.18
C ALA A 232 1.51 15.64 1.10
N ILE A 233 2.19 15.01 2.05
CA ILE A 233 1.54 14.64 3.30
C ILE A 233 1.28 15.85 4.19
N LEU A 234 2.24 16.78 4.25
CA LEU A 234 2.06 17.99 5.04
C LEU A 234 0.93 18.80 4.41
N GLU A 235 0.93 18.87 3.08
CA GLU A 235 -0.08 19.59 2.34
C GLU A 235 -1.46 19.02 2.65
N ALA A 236 -1.57 17.69 2.60
CA ALA A 236 -2.84 17.02 2.87
C ALA A 236 -3.29 17.23 4.30
N ILE A 237 -2.35 17.16 5.23
CA ILE A 237 -2.68 17.35 6.64
C ILE A 237 -3.32 18.73 6.84
N ALA A 238 -2.76 19.75 6.19
CA ALA A 238 -3.30 21.10 6.30
C ALA A 238 -4.63 21.20 5.57
N HIS A 239 -4.74 20.51 4.44
CA HIS A 239 -5.96 20.52 3.63
C HIS A 239 -7.16 19.94 4.37
N PHE A 240 -6.97 18.78 4.99
CA PHE A 240 -8.05 18.13 5.72
C PHE A 240 -8.16 18.65 7.16
N ASP A 241 -7.32 19.62 7.48
CA ASP A 241 -7.31 20.21 8.82
C ASP A 241 -7.16 19.17 9.93
N PHE A 242 -6.20 18.26 9.75
CA PHE A 242 -5.92 17.23 10.75
C PHE A 242 -4.93 17.83 11.75
N LEU A 243 -4.87 17.24 12.94
CA LEU A 243 -3.96 17.72 13.97
C LEU A 243 -4.18 19.21 14.20
N SER A 244 -5.45 19.61 14.14
CA SER A 244 -5.87 21.00 14.32
C SER A 244 -5.21 21.65 15.54
C1 GLC B . 7.94 -3.43 -4.45
C2 GLC B . 8.01 -4.90 -3.94
C3 GLC B . 7.56 -5.81 -5.11
C4 GLC B . 6.08 -5.44 -5.41
C5 GLC B . 6.00 -3.93 -5.87
C6 GLC B . 4.62 -3.42 -6.17
O2 GLC B . 9.33 -5.16 -3.59
O3 GLC B . 7.62 -7.14 -4.70
O4 GLC B . 5.57 -6.17 -6.46
O5 GLC B . 6.55 -3.05 -4.87
O6 GLC B . 3.77 -3.79 -5.09
C1 GLC B . 9.09 -2.19 -6.26
C2 GLC B . 9.91 -1.74 -7.47
C3 GLC B . 11.43 -1.87 -7.04
C4 GLC B . 11.65 -0.82 -5.93
C5 GLC B . 10.72 -1.19 -4.70
C6 GLC B . 10.84 -0.16 -3.58
O1 GLC B . 8.85 -3.37 -5.50
O2 GLC B . 9.66 -2.65 -8.47
O3 GLC B . 12.26 -1.50 -8.10
O4 GLC B . 12.98 -0.83 -5.47
O5 GLC B . 9.34 -1.21 -5.17
O6 GLC B . 10.31 1.06 -4.04
MG MG C . 2.99 2.58 -4.20
#